data_5BWB
#
_entry.id   5BWB
#
_cell.length_a   112.303
_cell.length_b   112.303
_cell.length_c   137.114
_cell.angle_alpha   90.00
_cell.angle_beta   90.00
_cell.angle_gamma   120.00
#
_symmetry.space_group_name_H-M   'P 31 2 1'
#
loop_
_entity.id
_entity.type
_entity.pdbx_description
1 polymer Acetylcholinesterase
2 non-polymer 2-acetamido-2-deoxy-beta-D-glucopyranose
3 non-polymer '2-(N-MORPHOLINO)-ETHANESULFONIC ACID'
4 non-polymer (Z,Z)-[heptane-1,7-diylbis(1H-imidazol-1-yl-2-ylidene)]bis(N-hydroxymethanamine)
5 water water
#
_entity_poly.entity_id   1
_entity_poly.type   'polypeptide(L)'
_entity_poly.pdbx_seq_one_letter_code
;DDHSELLVNTKSGKVMGTRVPVLSSHISAFLGIPFAEPPVGNMRFRRPEPKKPWSGVWNASTYPNNCQQYVDEQFPGFSG
SEMWNPNREMSEDCLYLNIWVPSPRPKSTTVMVWIYGGGFYSGSSTLDVYNGKYLAYTEEVVLVSLSYRVGAFGFLALHG
SQEAPGNVGLLDQRMALQWVHDNIQFFGGDPKTVTIFGESAGGASVGMHILSPGSRDLFRRAILQSGSPNCPWASVSVAE
GRRRAVELGRNLNCNLNSDEELIHCLREKKPQELIDVEWNVLPFDSIFRFSFVPVIDGEFFPTSLESMLNSGNFKKTQIL
LGVNKDEGSFFLLYGAPGFSKDSESKISREDFMSGVKLSVPHANDLGLDAVTLQYTDWMDDNNGIKNRDGLDDIVGDHNV
ICPLMHFVNKYTKFGNGTYLYFFNHRASNLVWPEWMGVIHGYEIEFVFGLPLVKELNYTAEEEALSRRIMHYWATFAKTG
NPNEPHSQESKWPLFTTKEQKFIDLNTEPMKVHQRLRVQMCVFWNQFLPKLLNATAC
;
_entity_poly.pdbx_strand_id   A
#
loop_
_chem_comp.id
_chem_comp.type
_chem_comp.name
_chem_comp.formula
4VV non-polymer (Z,Z)-[heptane-1,7-diylbis(1H-imidazol-1-yl-2-ylidene)]bis(N-hydroxymethanamine) 'C15 H26 N6 O2'
MES non-polymer '2-(N-MORPHOLINO)-ETHANESULFONIC ACID' 'C6 H13 N O4 S'
NAG D-saccharide, beta linking 2-acetamido-2-deoxy-beta-D-glucopyranose 'C8 H15 N O6'
#
# COMPACT_ATOMS: atom_id res chain seq x y z
N SER A 4 30.73 -16.32 -10.19
CA SER A 4 29.40 -17.02 -10.14
C SER A 4 28.25 -16.02 -10.30
N GLU A 5 27.20 -16.45 -11.00
CA GLU A 5 26.04 -15.60 -11.26
C GLU A 5 25.22 -15.33 -9.99
N LEU A 6 25.22 -16.29 -9.07
CA LEU A 6 24.49 -16.18 -7.82
C LEU A 6 25.33 -15.54 -6.72
N LEU A 7 26.57 -15.17 -7.04
CA LEU A 7 27.46 -14.49 -6.10
C LEU A 7 27.61 -13.01 -6.47
N VAL A 8 27.16 -12.13 -5.59
CA VAL A 8 27.22 -10.69 -5.79
C VAL A 8 27.92 -10.03 -4.61
N ASN A 9 28.87 -9.18 -4.91
CA ASN A 9 29.60 -8.44 -3.89
C ASN A 9 29.03 -7.02 -3.76
N THR A 10 28.51 -6.70 -2.58
CA THR A 10 27.92 -5.39 -2.31
C THR A 10 28.76 -4.61 -1.31
N LYS A 11 28.41 -3.34 -1.12
CA LYS A 11 29.09 -2.48 -0.15
C LYS A 11 28.92 -2.95 1.30
N SER A 12 27.89 -3.76 1.54
CA SER A 12 27.65 -4.33 2.87
C SER A 12 28.30 -5.71 3.03
N GLY A 13 28.75 -6.30 1.93
CA GLY A 13 29.40 -7.62 1.95
C GLY A 13 28.95 -8.49 0.80
N LYS A 14 29.43 -9.73 0.79
CA LYS A 14 29.09 -10.68 -0.27
C LYS A 14 27.73 -11.32 0.00
N VAL A 15 27.01 -11.66 -1.07
CA VAL A 15 25.67 -12.24 -0.95
C VAL A 15 25.55 -13.40 -1.94
N MET A 16 24.99 -14.52 -1.47
CA MET A 16 24.81 -15.73 -2.29
C MET A 16 23.33 -16.00 -2.52
N GLY A 17 22.94 -15.99 -3.78
CA GLY A 17 21.56 -16.14 -4.16
C GLY A 17 21.17 -17.57 -4.49
N THR A 18 19.99 -17.68 -5.06
CA THR A 18 19.48 -18.94 -5.51
C THR A 18 18.81 -18.79 -6.85
N ARG A 19 18.89 -19.87 -7.61
CA ARG A 19 18.38 -19.92 -8.97
C ARG A 19 16.95 -20.48 -8.92
N VAL A 20 15.99 -19.80 -9.55
CA VAL A 20 14.61 -20.25 -9.39
C VAL A 20 13.90 -20.49 -10.70
N PRO A 21 13.09 -21.55 -10.76
CA PRO A 21 12.34 -21.80 -11.99
C PRO A 21 11.21 -20.78 -12.18
N VAL A 22 11.04 -20.31 -13.42
CA VAL A 22 10.03 -19.33 -13.78
C VAL A 22 9.52 -19.62 -15.18
N LEU A 23 8.24 -19.97 -15.28
CA LEU A 23 7.59 -20.26 -16.57
C LEU A 23 8.39 -21.08 -17.60
N SER A 24 8.97 -22.19 -17.14
CA SER A 24 9.83 -23.04 -17.98
C SER A 24 11.19 -22.42 -18.29
N SER A 25 11.65 -21.52 -17.44
CA SER A 25 12.97 -20.94 -17.56
C SER A 25 13.55 -20.79 -16.17
N HIS A 26 14.57 -19.96 -16.05
CA HIS A 26 15.21 -19.74 -14.76
C HIS A 26 15.72 -18.32 -14.63
N ILE A 27 15.60 -17.76 -13.42
CA ILE A 27 16.25 -16.49 -13.07
C ILE A 27 16.90 -16.57 -11.68
N SER A 28 17.59 -15.51 -11.29
CA SER A 28 18.29 -15.45 -10.01
C SER A 28 17.41 -14.81 -8.94
N ALA A 29 17.56 -15.27 -7.71
CA ALA A 29 16.81 -14.73 -6.59
C ALA A 29 17.71 -14.52 -5.39
N PHE A 30 17.72 -13.30 -4.87
CA PHE A 30 18.49 -12.95 -3.69
C PHE A 30 17.53 -12.55 -2.58
N LEU A 31 17.24 -13.51 -1.69
CA LEU A 31 16.15 -13.36 -0.71
C LEU A 31 16.69 -13.18 0.71
N GLY A 32 16.06 -12.27 1.45
CA GLY A 32 16.40 -12.03 2.85
C GLY A 32 17.72 -11.31 3.06
N ILE A 33 17.96 -10.27 2.25
CA ILE A 33 19.17 -9.46 2.41
C ILE A 33 18.88 -8.36 3.44
N PRO A 34 19.70 -8.29 4.50
CA PRO A 34 19.52 -7.28 5.52
C PRO A 34 19.96 -5.91 5.04
N PHE A 35 19.13 -4.90 5.29
CA PHE A 35 19.46 -3.50 4.99
C PHE A 35 19.49 -2.65 6.25
N ALA A 36 19.19 -3.28 7.39
CA ALA A 36 19.13 -2.59 8.68
C ALA A 36 19.60 -3.50 9.80
N GLU A 37 20.09 -2.89 10.88
CA GLU A 37 20.34 -3.59 12.12
C GLU A 37 19.01 -4.04 12.72
N PRO A 38 18.95 -5.26 13.27
CA PRO A 38 17.73 -5.74 13.92
C PRO A 38 17.20 -4.74 14.95
N PRO A 39 15.94 -4.31 14.81
CA PRO A 39 15.31 -3.35 15.71
C PRO A 39 14.68 -4.02 16.94
N VAL A 40 15.52 -4.72 17.71
CA VAL A 40 15.07 -5.50 18.87
C VAL A 40 15.56 -4.85 20.16
N GLY A 41 15.01 -5.28 21.28
CA GLY A 41 15.38 -4.78 22.60
C GLY A 41 15.12 -3.29 22.72
N ASN A 42 16.13 -2.55 23.15
CA ASN A 42 16.05 -1.09 23.30
C ASN A 42 15.94 -0.33 21.96
N MET A 43 16.17 -1.02 20.85
CA MET A 43 16.00 -0.45 19.51
C MET A 43 14.53 -0.40 19.05
N ARG A 44 13.64 -1.06 19.79
CA ARG A 44 12.22 -1.06 19.48
C ARG A 44 11.68 0.37 19.54
N PHE A 45 10.90 0.71 18.52
CA PHE A 45 10.35 2.06 18.31
C PHE A 45 11.36 3.10 17.86
N ARG A 46 12.60 2.65 17.61
CA ARG A 46 13.68 3.60 17.37
C ARG A 46 13.84 3.77 15.87
N ARG A 47 14.59 4.79 15.45
CA ARG A 47 14.83 4.92 14.04
C ARG A 47 15.76 3.79 13.62
N PRO A 48 15.65 3.37 12.37
CA PRO A 48 16.45 2.26 11.91
C PRO A 48 17.91 2.67 11.75
N GLU A 49 18.82 1.80 12.19
CA GLU A 49 20.25 1.97 11.97
C GLU A 49 20.70 1.07 10.81
N PRO A 50 21.65 1.55 10.00
CA PRO A 50 22.14 0.78 8.85
C PRO A 50 22.83 -0.51 9.28
N LYS A 51 22.64 -1.57 8.50
CA LYS A 51 23.23 -2.87 8.80
C LYS A 51 24.77 -2.82 8.74
N LYS A 52 25.41 -3.24 9.84
CA LYS A 52 26.86 -3.33 9.89
C LYS A 52 27.35 -4.31 8.84
N PRO A 53 28.34 -3.91 8.03
CA PRO A 53 28.89 -4.80 7.00
C PRO A 53 29.33 -6.12 7.60
N TRP A 54 29.21 -7.18 6.81
CA TRP A 54 29.55 -8.53 7.27
C TRP A 54 30.70 -9.11 6.45
N SER A 55 31.54 -9.89 7.12
CA SER A 55 32.56 -10.69 6.44
C SER A 55 31.92 -12.00 6.00
N GLY A 56 32.57 -12.70 5.08
CA GLY A 56 32.03 -13.95 4.56
C GLY A 56 30.84 -13.73 3.64
N VAL A 57 30.18 -14.82 3.27
CA VAL A 57 29.08 -14.79 2.30
C VAL A 57 27.72 -14.95 2.97
N TRP A 58 26.82 -13.99 2.75
CA TRP A 58 25.47 -14.04 3.31
C TRP A 58 24.59 -14.98 2.52
N ASN A 59 23.94 -15.91 3.22
CA ASN A 59 23.04 -16.90 2.60
C ASN A 59 21.71 -16.20 2.25
N ALA A 60 21.52 -15.91 0.97
CA ALA A 60 20.30 -15.22 0.52
C ALA A 60 19.40 -16.12 -0.34
N SER A 61 19.36 -17.41 0.01
CA SER A 61 18.53 -18.38 -0.72
C SER A 61 17.10 -18.66 -0.23
N THR A 62 16.76 -18.14 0.95
CA THR A 62 15.39 -18.33 1.49
C THR A 62 14.79 -17.02 2.01
N TYR A 63 13.47 -16.95 1.96
CA TYR A 63 12.73 -15.79 2.47
C TYR A 63 13.07 -15.50 3.94
N PRO A 64 13.04 -14.22 4.32
CA PRO A 64 13.30 -13.84 5.70
C PRO A 64 12.05 -13.96 6.54
N ASN A 65 12.19 -13.62 7.83
CA ASN A 65 11.05 -13.50 8.72
C ASN A 65 10.14 -12.32 8.32
N ASN A 66 8.85 -12.46 8.60
CA ASN A 66 7.93 -11.34 8.47
C ASN A 66 7.89 -10.57 9.77
N CYS A 67 7.57 -9.28 9.68
CA CYS A 67 7.49 -8.44 10.87
C CYS A 67 6.29 -8.84 11.73
N GLN A 68 6.39 -8.56 13.03
CA GLN A 68 5.33 -8.89 13.98
C GLN A 68 4.05 -8.14 13.62
N GLN A 69 2.95 -8.87 13.51
CA GLN A 69 1.67 -8.30 13.09
C GLN A 69 0.45 -9.14 13.53
N TYR A 70 -0.71 -8.49 13.50
CA TYR A 70 -1.99 -9.17 13.67
C TYR A 70 -2.15 -10.21 12.57
N VAL A 71 -2.74 -11.36 12.94
CA VAL A 71 -2.99 -12.46 12.00
C VAL A 71 -4.50 -12.65 11.86
N ASP A 72 -4.96 -12.62 10.61
CA ASP A 72 -6.38 -12.84 10.29
C ASP A 72 -6.77 -14.31 10.53
N GLU A 73 -7.77 -14.50 11.38
CA GLU A 73 -8.29 -15.83 11.69
C GLU A 73 -9.81 -15.94 11.46
N GLN A 74 -10.38 -14.96 10.76
CA GLN A 74 -11.83 -14.93 10.54
C GLN A 74 -12.33 -16.10 9.71
N PHE A 75 -11.56 -16.52 8.72
CA PHE A 75 -11.93 -17.66 7.89
C PHE A 75 -10.76 -18.65 7.76
N PRO A 76 -10.54 -19.49 8.81
CA PRO A 76 -9.40 -20.40 8.85
C PRO A 76 -9.43 -21.40 7.71
N GLY A 77 -8.33 -21.48 6.96
CA GLY A 77 -8.24 -22.33 5.77
C GLY A 77 -8.63 -21.66 4.47
N PHE A 78 -9.45 -20.61 4.56
CA PHE A 78 -9.89 -19.88 3.39
C PHE A 78 -8.73 -19.12 2.78
N SER A 79 -8.51 -19.32 1.49
CA SER A 79 -7.33 -18.74 0.81
C SER A 79 -7.48 -17.22 0.62
N GLY A 80 -8.72 -16.75 0.44
CA GLY A 80 -9.01 -15.33 0.22
C GLY A 80 -8.47 -14.42 1.31
N SER A 81 -8.53 -14.88 2.56
CA SER A 81 -8.04 -14.11 3.69
C SER A 81 -6.61 -14.48 4.08
N GLU A 82 -6.26 -15.75 3.91
CA GLU A 82 -4.93 -16.27 4.31
C GLU A 82 -3.82 -16.04 3.28
N MET A 83 -4.17 -15.60 2.08
CA MET A 83 -3.17 -15.15 1.10
C MET A 83 -2.49 -13.85 1.54
N TRP A 84 -3.12 -13.10 2.45
CA TRP A 84 -2.57 -11.85 2.97
C TRP A 84 -1.82 -12.01 4.30
N ASN A 85 -2.08 -13.10 5.01
CA ASN A 85 -1.38 -13.39 6.26
C ASN A 85 0.10 -13.70 6.05
N PRO A 86 0.93 -13.42 7.07
CA PRO A 86 2.33 -13.80 6.97
C PRO A 86 2.48 -15.29 6.74
N ASN A 87 3.28 -15.66 5.75
CA ASN A 87 3.58 -17.06 5.42
C ASN A 87 4.94 -17.52 5.93
N ARG A 88 5.56 -16.69 6.76
CA ARG A 88 6.84 -17.02 7.41
C ARG A 88 6.71 -16.78 8.90
N GLU A 89 7.65 -17.33 9.66
CA GLU A 89 7.69 -17.08 11.10
C GLU A 89 7.80 -15.56 11.34
N MET A 90 7.07 -15.07 12.32
CA MET A 90 7.12 -13.65 12.65
C MET A 90 8.27 -13.36 13.60
N SER A 91 8.83 -12.17 13.49
CA SER A 91 9.93 -11.72 14.34
C SER A 91 10.12 -10.23 14.22
N GLU A 92 10.56 -9.59 15.30
CA GLU A 92 10.97 -8.17 15.26
C GLU A 92 12.21 -7.95 14.39
N ASP A 93 12.98 -9.01 14.22
CA ASP A 93 14.12 -9.02 13.31
C ASP A 93 13.72 -9.32 11.87
N CYS A 94 13.04 -8.36 11.28
CA CYS A 94 12.43 -8.55 9.96
C CYS A 94 12.79 -7.57 8.86
N LEU A 95 13.76 -6.71 9.11
CA LEU A 95 14.12 -5.68 8.14
C LEU A 95 15.06 -6.20 7.05
N TYR A 96 14.46 -6.88 6.08
CA TYR A 96 15.17 -7.48 4.96
C TYR A 96 14.52 -7.11 3.63
N LEU A 97 15.26 -7.30 2.55
CA LEU A 97 14.74 -7.09 1.20
C LEU A 97 15.02 -8.27 0.28
N ASN A 98 14.25 -8.36 -0.79
CA ASN A 98 14.34 -9.48 -1.74
C ASN A 98 14.54 -8.97 -3.16
N ILE A 99 15.46 -9.58 -3.89
CA ILE A 99 15.78 -9.12 -5.25
C ILE A 99 15.67 -10.25 -6.27
N TRP A 100 14.89 -10.02 -7.32
CA TRP A 100 14.78 -10.95 -8.44
C TRP A 100 15.53 -10.38 -9.65
N VAL A 101 16.51 -11.14 -10.13
CA VAL A 101 17.44 -10.67 -11.17
C VAL A 101 17.40 -11.59 -12.38
N PRO A 102 17.15 -11.03 -13.58
CA PRO A 102 17.08 -11.82 -14.82
C PRO A 102 18.38 -12.56 -15.11
N SER A 103 18.28 -13.68 -15.82
CA SER A 103 19.45 -14.49 -16.18
C SER A 103 19.55 -14.61 -17.70
N PRO A 104 20.69 -14.24 -18.29
CA PRO A 104 21.90 -13.81 -17.58
C PRO A 104 21.77 -12.41 -16.95
N ARG A 105 22.60 -12.16 -15.94
CA ARG A 105 22.57 -10.89 -15.19
C ARG A 105 22.67 -9.70 -16.15
N PRO A 106 21.81 -8.69 -15.95
CA PRO A 106 21.89 -7.45 -16.74
C PRO A 106 23.06 -6.59 -16.28
N LYS A 107 23.37 -5.57 -17.07
CA LYS A 107 24.46 -4.66 -16.72
C LYS A 107 23.80 -3.54 -15.92
N SER A 108 23.00 -2.72 -16.60
CA SER A 108 22.25 -1.64 -15.94
C SER A 108 20.85 -1.58 -16.53
N THR A 109 19.88 -2.15 -15.83
CA THR A 109 18.50 -2.21 -16.33
C THR A 109 17.55 -1.55 -15.33
N THR A 110 16.31 -1.37 -15.76
CA THR A 110 15.26 -0.75 -14.95
C THR A 110 15.05 -1.51 -13.65
N VAL A 111 14.87 -0.77 -12.56
CA VAL A 111 14.61 -1.35 -11.25
C VAL A 111 13.19 -0.96 -10.80
N MET A 112 12.47 -1.94 -10.24
CA MET A 112 11.17 -1.69 -9.62
C MET A 112 11.21 -2.16 -8.17
N VAL A 113 10.77 -1.30 -7.25
CA VAL A 113 10.80 -1.60 -5.82
C VAL A 113 9.38 -1.61 -5.24
N TRP A 114 8.96 -2.79 -4.77
CA TRP A 114 7.61 -3.00 -4.25
C TRP A 114 7.53 -2.71 -2.76
N ILE A 115 6.54 -1.89 -2.38
CA ILE A 115 6.24 -1.58 -0.98
C ILE A 115 4.85 -2.12 -0.62
N TYR A 116 4.82 -3.16 0.21
CA TYR A 116 3.56 -3.85 0.52
C TYR A 116 2.57 -3.00 1.30
N GLY A 117 1.29 -3.31 1.12
CA GLY A 117 0.21 -2.70 1.90
C GLY A 117 -0.15 -3.52 3.13
N GLY A 118 -1.29 -3.18 3.71
CA GLY A 118 -1.80 -3.86 4.92
C GLY A 118 -2.17 -2.91 6.05
N GLY A 119 -2.61 -1.71 5.67
CA GLY A 119 -3.10 -0.69 6.62
C GLY A 119 -2.10 -0.21 7.66
N PHE A 120 -0.81 -0.35 7.36
CA PHE A 120 0.29 -0.01 8.28
C PHE A 120 0.30 -0.86 9.56
N TYR A 121 -0.61 -1.83 9.66
CA TYR A 121 -0.70 -2.74 10.82
C TYR A 121 -0.28 -4.17 10.49
N SER A 122 -0.10 -4.46 9.20
CA SER A 122 0.25 -5.79 8.74
C SER A 122 0.94 -5.73 7.37
N GLY A 123 1.34 -6.90 6.88
CA GLY A 123 1.96 -7.02 5.56
C GLY A 123 3.27 -7.80 5.56
N SER A 124 3.57 -8.41 4.41
CA SER A 124 4.80 -9.17 4.25
C SER A 124 5.30 -8.99 2.81
N SER A 125 6.62 -9.04 2.64
CA SER A 125 7.23 -9.03 1.32
C SER A 125 7.24 -10.42 0.70
N THR A 126 7.00 -11.43 1.53
CA THR A 126 7.21 -12.84 1.17
C THR A 126 5.96 -13.55 0.66
N LEU A 127 4.87 -12.81 0.49
CA LEU A 127 3.59 -13.36 0.01
C LEU A 127 3.69 -13.94 -1.40
N ASP A 128 2.85 -14.92 -1.70
CA ASP A 128 2.83 -15.55 -3.00
C ASP A 128 2.44 -14.54 -4.10
N VAL A 129 1.47 -13.67 -3.80
CA VAL A 129 1.01 -12.66 -4.76
C VAL A 129 2.04 -11.56 -5.02
N TYR A 130 3.07 -11.49 -4.17
CA TYR A 130 4.17 -10.53 -4.37
C TYR A 130 5.44 -11.15 -4.96
N ASN A 131 5.35 -12.38 -5.45
CA ASN A 131 6.50 -13.05 -6.04
C ASN A 131 6.93 -12.33 -7.31
N GLY A 132 8.13 -11.73 -7.25
CA GLY A 132 8.61 -10.88 -8.33
C GLY A 132 9.25 -11.58 -9.51
N LYS A 133 9.34 -12.90 -9.45
CA LYS A 133 10.03 -13.67 -10.48
C LYS A 133 9.37 -13.61 -11.85
N TYR A 134 8.04 -13.48 -11.87
CA TYR A 134 7.29 -13.44 -13.14
C TYR A 134 7.50 -12.11 -13.83
N LEU A 135 7.42 -11.03 -13.07
CA LEU A 135 7.59 -9.67 -13.60
C LEU A 135 9.04 -9.41 -14.01
N ALA A 136 9.97 -9.93 -13.22
CA ALA A 136 11.39 -9.78 -13.51
C ALA A 136 11.76 -10.53 -14.81
N TYR A 137 11.23 -11.73 -14.97
CA TYR A 137 11.51 -12.56 -16.14
C TYR A 137 10.86 -11.99 -17.40
N THR A 138 9.57 -11.69 -17.32
CA THR A 138 8.80 -11.31 -18.52
C THR A 138 9.22 -9.95 -19.07
N GLU A 139 9.50 -9.00 -18.17
CA GLU A 139 9.78 -7.62 -18.57
C GLU A 139 11.25 -7.23 -18.41
N GLU A 140 12.09 -8.19 -18.01
CA GLU A 140 13.53 -8.00 -17.87
C GLU A 140 13.86 -6.78 -17.00
N VAL A 141 13.25 -6.76 -15.81
CA VAL A 141 13.53 -5.75 -14.82
C VAL A 141 14.13 -6.39 -13.59
N VAL A 142 14.88 -5.61 -12.82
CA VAL A 142 15.34 -6.02 -11.49
C VAL A 142 14.23 -5.64 -10.51
N LEU A 143 13.63 -6.64 -9.86
CA LEU A 143 12.53 -6.40 -8.94
C LEU A 143 12.96 -6.56 -7.48
N VAL A 144 12.78 -5.49 -6.72
CA VAL A 144 13.07 -5.52 -5.29
C VAL A 144 11.76 -5.42 -4.52
N SER A 145 11.64 -6.22 -3.47
CA SER A 145 10.57 -6.02 -2.49
C SER A 145 11.20 -5.78 -1.12
N LEU A 146 10.89 -4.63 -0.55
CA LEU A 146 11.38 -4.28 0.78
C LEU A 146 10.42 -4.75 1.88
N SER A 147 10.86 -4.61 3.13
CA SER A 147 10.00 -4.78 4.26
C SER A 147 10.08 -3.56 5.17
N TYR A 148 9.10 -3.41 6.03
CA TYR A 148 9.10 -2.34 7.03
C TYR A 148 8.28 -2.73 8.26
N ARG A 149 8.69 -2.21 9.41
CA ARG A 149 7.95 -2.42 10.66
C ARG A 149 6.53 -1.85 10.54
N VAL A 150 5.57 -2.68 10.96
CA VAL A 150 4.15 -2.31 10.96
C VAL A 150 3.63 -2.28 12.40
N GLY A 151 2.40 -1.79 12.56
CA GLY A 151 1.76 -1.69 13.87
C GLY A 151 2.46 -0.70 14.77
N ALA A 152 2.36 -0.92 16.07
CA ALA A 152 3.01 -0.04 17.05
C ALA A 152 4.52 -0.06 16.90
N PHE A 153 5.06 -1.22 16.53
CA PHE A 153 6.50 -1.43 16.34
C PHE A 153 7.07 -0.47 15.31
N GLY A 154 6.30 -0.19 14.26
CA GLY A 154 6.73 0.71 13.20
C GLY A 154 6.21 2.14 13.29
N PHE A 155 5.10 2.35 14.01
CA PHE A 155 4.43 3.65 13.97
C PHE A 155 3.98 4.29 15.30
N LEU A 156 4.37 3.70 16.43
CA LEU A 156 4.16 4.36 17.73
C LEU A 156 4.82 5.72 17.74
N ALA A 157 4.05 6.75 18.10
CA ALA A 157 4.51 8.14 17.97
C ALA A 157 4.34 8.97 19.24
N LEU A 158 5.46 9.25 19.91
CA LEU A 158 5.49 10.20 21.02
C LEU A 158 6.40 11.34 20.62
N HIS A 159 5.82 12.33 19.95
CA HIS A 159 6.57 13.46 19.39
C HIS A 159 7.30 14.24 20.47
N GLY A 160 8.56 14.57 20.21
CA GLY A 160 9.46 15.19 21.20
C GLY A 160 10.49 14.18 21.68
N SER A 161 10.04 12.95 21.93
CA SER A 161 10.92 11.87 22.33
C SER A 161 11.73 11.37 21.14
N GLN A 162 12.96 10.95 21.41
CA GLN A 162 13.84 10.41 20.37
C GLN A 162 13.87 8.88 20.40
N GLU A 163 13.27 8.29 21.44
CA GLU A 163 13.23 6.84 21.57
C GLU A 163 12.08 6.22 20.78
N ALA A 164 10.98 6.97 20.67
CA ALA A 164 9.82 6.61 19.82
C ALA A 164 9.26 7.85 19.12
N PRO A 165 9.94 8.32 18.05
CA PRO A 165 9.53 9.57 17.39
C PRO A 165 8.37 9.42 16.42
N GLY A 166 8.01 8.19 16.08
CA GLY A 166 7.03 7.94 15.02
C GLY A 166 7.68 7.82 13.64
N ASN A 167 6.89 7.37 12.66
CA ASN A 167 7.32 7.25 11.27
C ASN A 167 8.51 6.32 10.99
N VAL A 168 8.93 5.53 11.98
CA VAL A 168 10.14 4.71 11.82
C VAL A 168 9.94 3.61 10.76
N GLY A 169 8.71 3.18 10.59
CA GLY A 169 8.36 2.26 9.51
C GLY A 169 8.58 2.86 8.13
N LEU A 170 8.26 4.15 7.99
CA LEU A 170 8.54 4.89 6.76
C LEU A 170 10.06 5.01 6.53
N LEU A 171 10.80 5.26 7.61
CA LEU A 171 12.26 5.32 7.54
C LEU A 171 12.89 3.95 7.21
N ASP A 172 12.27 2.86 7.67
CA ASP A 172 12.66 1.52 7.26
C ASP A 172 12.65 1.42 5.73
N GLN A 173 11.55 1.87 5.12
CA GLN A 173 11.40 1.84 3.68
C GLN A 173 12.51 2.68 3.05
N ARG A 174 12.71 3.89 3.59
CA ARG A 174 13.72 4.82 3.08
C ARG A 174 15.12 4.20 3.06
N MET A 175 15.46 3.47 4.12
CA MET A 175 16.80 2.90 4.23
C MET A 175 17.00 1.74 3.27
N ALA A 176 15.91 1.06 2.94
CA ALA A 176 15.93 0.03 1.92
C ALA A 176 16.10 0.69 0.54
N LEU A 177 15.41 1.81 0.32
CA LEU A 177 15.59 2.60 -0.91
C LEU A 177 17.02 3.14 -1.02
N GLN A 178 17.57 3.52 0.12
CA GLN A 178 18.98 3.96 0.21
C GLN A 178 19.91 2.80 -0.17
N TRP A 179 19.65 1.62 0.37
CA TRP A 179 20.43 0.42 0.05
C TRP A 179 20.33 0.05 -1.43
N VAL A 180 19.15 0.17 -2.00
CA VAL A 180 18.96 -0.06 -3.44
C VAL A 180 19.79 0.97 -4.24
N HIS A 181 19.63 2.24 -3.89
CA HIS A 181 20.43 3.31 -4.48
C HIS A 181 21.91 2.99 -4.49
N ASP A 182 22.42 2.54 -3.35
CA ASP A 182 23.84 2.31 -3.15
C ASP A 182 24.36 0.99 -3.75
N ASN A 183 23.50 -0.04 -3.80
CA ASN A 183 23.96 -1.40 -4.11
C ASN A 183 23.33 -2.10 -5.31
N ILE A 184 22.25 -1.58 -5.87
CA ILE A 184 21.53 -2.29 -6.95
C ILE A 184 22.36 -2.42 -8.23
N GLN A 185 23.41 -1.60 -8.35
CA GLN A 185 24.29 -1.63 -9.51
C GLN A 185 25.01 -2.98 -9.64
N PHE A 186 25.31 -3.59 -8.50
CA PHE A 186 26.04 -4.86 -8.46
C PHE A 186 25.17 -6.06 -8.82
N PHE A 187 23.86 -5.85 -8.87
CA PHE A 187 22.91 -6.89 -9.26
C PHE A 187 22.43 -6.66 -10.70
N GLY A 188 22.99 -5.64 -11.34
CA GLY A 188 22.68 -5.32 -12.74
C GLY A 188 21.56 -4.30 -12.90
N GLY A 189 21.18 -3.67 -11.80
CA GLY A 189 20.13 -2.67 -11.81
C GLY A 189 20.69 -1.28 -12.00
N ASP A 190 19.89 -0.40 -12.59
CA ASP A 190 20.26 0.99 -12.79
C ASP A 190 19.75 1.87 -11.62
N PRO A 191 20.65 2.36 -10.76
CA PRO A 191 20.24 3.16 -9.61
C PRO A 191 19.57 4.49 -9.95
N LYS A 192 19.73 4.95 -11.19
CA LYS A 192 19.09 6.20 -11.62
C LYS A 192 17.76 5.94 -12.35
N THR A 193 17.36 4.67 -12.39
CA THR A 193 16.07 4.30 -12.97
C THR A 193 15.34 3.31 -12.07
N VAL A 194 15.03 3.79 -10.87
CA VAL A 194 14.31 3.02 -9.88
C VAL A 194 12.86 3.55 -9.77
N THR A 195 11.88 2.69 -9.98
CA THR A 195 10.48 3.00 -9.71
C THR A 195 10.06 2.38 -8.38
N ILE A 196 9.53 3.18 -7.48
CA ILE A 196 8.86 2.66 -6.29
C ILE A 196 7.37 2.49 -6.59
N PHE A 197 6.82 1.33 -6.23
CA PHE A 197 5.40 1.06 -6.42
C PHE A 197 4.82 0.28 -5.24
N GLY A 198 3.56 0.54 -4.93
CA GLY A 198 2.91 -0.10 -3.79
C GLY A 198 1.39 0.02 -3.87
N GLU A 199 0.74 -0.81 -3.07
CA GLU A 199 -0.72 -0.87 -3.06
C GLU A 199 -1.26 -0.52 -1.68
N SER A 200 -2.34 0.27 -1.67
CA SER A 200 -3.02 0.67 -0.43
C SER A 200 -2.05 1.44 0.48
N ALA A 201 -1.79 0.94 1.69
CA ALA A 201 -0.81 1.55 2.59
C ALA A 201 0.56 1.73 1.90
N GLY A 202 0.90 0.79 1.01
CA GLY A 202 2.10 0.89 0.20
C GLY A 202 1.99 1.96 -0.85
N GLY A 203 0.79 2.13 -1.40
CA GLY A 203 0.51 3.22 -2.32
C GLY A 203 0.59 4.59 -1.64
N ALA A 204 0.07 4.67 -0.43
CA ALA A 204 0.19 5.88 0.39
C ALA A 204 1.65 6.16 0.77
N SER A 205 2.38 5.10 1.12
CA SER A 205 3.81 5.16 1.42
C SER A 205 4.57 5.78 0.24
N VAL A 206 4.31 5.27 -0.96
CA VAL A 206 4.95 5.77 -2.18
C VAL A 206 4.72 7.29 -2.30
N GLY A 207 3.47 7.70 -2.14
CA GLY A 207 3.11 9.11 -2.17
C GLY A 207 3.76 9.92 -1.08
N MET A 208 4.02 9.28 0.06
CA MET A 208 4.70 9.94 1.19
C MET A 208 6.19 10.15 0.94
N HIS A 209 6.79 9.26 0.16
CA HIS A 209 8.19 9.42 -0.25
C HIS A 209 8.33 10.49 -1.34
N ILE A 210 7.28 10.69 -2.12
CA ILE A 210 7.20 11.82 -3.08
C ILE A 210 7.17 13.17 -2.35
N LEU A 211 6.48 13.20 -1.20
CA LEU A 211 6.31 14.43 -0.44
C LEU A 211 7.52 14.72 0.44
N SER A 212 7.96 13.73 1.21
CA SER A 212 9.08 13.89 2.14
C SER A 212 10.40 14.22 1.46
N PRO A 213 10.96 15.41 1.75
CA PRO A 213 12.26 15.88 1.22
C PRO A 213 13.41 14.88 1.39
N GLY A 214 13.43 14.15 2.50
CA GLY A 214 14.50 13.20 2.78
C GLY A 214 14.48 11.95 1.91
N SER A 215 13.37 11.76 1.21
CA SER A 215 13.12 10.54 0.47
C SER A 215 13.24 10.70 -1.05
N ARG A 216 13.10 11.91 -1.54
CA ARG A 216 12.90 12.14 -2.98
C ARG A 216 14.03 11.73 -3.90
N ASP A 217 15.25 11.94 -3.45
CA ASP A 217 16.41 11.76 -4.31
C ASP A 217 16.71 10.29 -4.48
N LEU A 218 16.02 9.43 -3.72
CA LEU A 218 16.30 8.01 -3.68
C LEU A 218 15.52 7.16 -4.69
N PHE A 219 14.69 7.79 -5.52
CA PHE A 219 13.99 7.09 -6.60
C PHE A 219 13.70 8.02 -7.78
N ARG A 220 13.35 7.41 -8.92
CA ARG A 220 13.12 8.14 -10.16
C ARG A 220 11.65 8.43 -10.41
N ARG A 221 10.82 7.37 -10.46
CA ARG A 221 9.39 7.46 -10.79
C ARG A 221 8.59 6.70 -9.75
N ALA A 222 7.25 6.82 -9.83
CA ALA A 222 6.35 6.25 -8.82
C ALA A 222 5.05 5.68 -9.38
N ILE A 223 4.64 4.55 -8.84
CA ILE A 223 3.35 3.95 -9.14
C ILE A 223 2.55 3.76 -7.83
N LEU A 224 1.33 4.29 -7.81
CA LEU A 224 0.46 4.23 -6.65
C LEU A 224 -0.82 3.44 -6.95
N GLN A 225 -1.01 2.33 -6.24
CA GLN A 225 -2.16 1.47 -6.46
C GLN A 225 -3.12 1.53 -5.26
N SER A 226 -4.32 2.06 -5.51
CA SER A 226 -5.42 2.07 -4.54
C SER A 226 -5.01 2.74 -3.22
N GLY A 227 -4.20 3.78 -3.31
CA GLY A 227 -3.76 4.51 -2.12
C GLY A 227 -3.02 5.77 -2.48
N SER A 228 -3.12 6.77 -1.61
CA SER A 228 -2.43 8.04 -1.79
C SER A 228 -2.11 8.60 -0.41
N PRO A 229 -1.13 9.52 -0.31
CA PRO A 229 -0.68 10.00 1.00
C PRO A 229 -1.74 10.74 1.82
N ASN A 230 -2.66 11.41 1.13
CA ASN A 230 -3.70 12.24 1.76
C ASN A 230 -4.94 11.46 2.21
N CYS A 231 -4.86 10.13 2.19
CA CYS A 231 -5.97 9.29 2.66
C CYS A 231 -6.25 9.55 4.15
N PRO A 232 -7.54 9.64 4.54
CA PRO A 232 -7.92 9.96 5.91
C PRO A 232 -7.47 8.93 6.94
N TRP A 233 -7.12 7.73 6.46
CA TRP A 233 -6.66 6.63 7.30
C TRP A 233 -5.14 6.53 7.34
N ALA A 234 -4.45 7.32 6.50
CA ALA A 234 -3.02 7.13 6.24
C ALA A 234 -2.11 7.91 7.18
N SER A 235 -2.68 8.88 7.91
CA SER A 235 -1.90 9.67 8.84
C SER A 235 -2.73 10.22 9.99
N VAL A 236 -2.04 10.61 11.07
CA VAL A 236 -2.66 11.28 12.20
C VAL A 236 -1.80 12.47 12.68
N SER A 237 -2.41 13.37 13.44
CA SER A 237 -1.68 14.47 14.04
C SER A 237 -0.75 13.94 15.14
N VAL A 238 0.21 14.78 15.54
CA VAL A 238 1.12 14.42 16.64
C VAL A 238 0.36 14.19 17.95
N ALA A 239 -0.60 15.06 18.25
CA ALA A 239 -1.45 14.93 19.45
C ALA A 239 -2.23 13.61 19.47
N GLU A 240 -2.85 13.28 18.35
CA GLU A 240 -3.62 12.02 18.24
C GLU A 240 -2.71 10.79 18.34
N GLY A 241 -1.54 10.86 17.72
CA GLY A 241 -0.52 9.82 17.86
C GLY A 241 -0.06 9.65 19.30
N ARG A 242 0.15 10.79 19.97
CA ARG A 242 0.52 10.80 21.38
C ARG A 242 -0.57 10.16 22.22
N ARG A 243 -1.81 10.60 21.99
CA ARG A 243 -2.97 10.06 22.69
C ARG A 243 -3.09 8.53 22.58
N ARG A 244 -2.90 8.01 21.37
CA ARG A 244 -3.01 6.57 21.11
C ARG A 244 -1.90 5.73 21.73
N ALA A 245 -0.70 6.32 21.84
CA ALA A 245 0.44 5.64 22.46
C ALA A 245 0.28 5.54 23.97
N VAL A 246 -0.19 6.64 24.58
CA VAL A 246 -0.55 6.66 26.00
C VAL A 246 -1.66 5.63 26.31
N GLU A 247 -2.68 5.61 25.46
CA GLU A 247 -3.79 4.68 25.62
C GLU A 247 -3.34 3.23 25.45
N LEU A 248 -2.37 2.98 24.59
CA LEU A 248 -1.80 1.64 24.45
C LEU A 248 -1.11 1.23 25.74
N GLY A 249 -0.43 2.18 26.37
CA GLY A 249 0.19 1.95 27.67
C GLY A 249 -0.81 1.67 28.78
N ARG A 250 -1.93 2.39 28.73
CA ARG A 250 -3.04 2.17 29.67
C ARG A 250 -3.61 0.76 29.56
N ASN A 251 -3.63 0.20 28.34
CA ASN A 251 -4.13 -1.16 28.10
C ASN A 251 -3.17 -2.24 28.62
N LEU A 252 -1.90 -1.88 28.80
CA LEU A 252 -0.88 -2.84 29.24
C LEU A 252 -0.32 -2.51 30.64
N ASN A 253 -1.12 -1.76 31.42
CA ASN A 253 -0.80 -1.41 32.81
C ASN A 253 0.56 -0.73 32.99
N CYS A 254 0.87 0.19 32.08
CA CYS A 254 2.14 0.89 32.10
C CYS A 254 2.12 2.09 33.04
N ASN A 255 3.30 2.43 33.56
CA ASN A 255 3.51 3.70 34.24
C ASN A 255 3.41 4.80 33.20
N LEU A 256 2.48 5.72 33.39
CA LEU A 256 2.19 6.76 32.39
C LEU A 256 2.65 8.16 32.80
N ASN A 257 3.60 8.24 33.74
CA ASN A 257 4.06 9.53 34.27
C ASN A 257 4.97 10.34 33.33
N SER A 258 5.66 9.63 32.44
CA SER A 258 6.49 10.27 31.41
C SER A 258 6.67 9.35 30.20
N ASP A 259 7.18 9.92 29.11
CA ASP A 259 7.49 9.15 27.90
C ASP A 259 8.51 8.05 28.17
N GLU A 260 9.49 8.36 29.02
CA GLU A 260 10.58 7.44 29.35
C GLU A 260 10.04 6.23 30.11
N GLU A 261 9.09 6.50 31.01
CA GLU A 261 8.41 5.44 31.76
C GLU A 261 7.54 4.57 30.83
N LEU A 262 6.83 5.23 29.92
CA LEU A 262 5.93 4.54 28.99
C LEU A 262 6.69 3.67 28.00
N ILE A 263 7.67 4.26 27.31
CA ILE A 263 8.45 3.56 26.30
C ILE A 263 9.17 2.35 26.92
N HIS A 264 9.72 2.53 28.12
CA HIS A 264 10.40 1.45 28.84
C HIS A 264 9.45 0.28 29.05
N CYS A 265 8.23 0.58 29.50
CA CYS A 265 7.20 -0.43 29.74
C CYS A 265 6.85 -1.20 28.47
N LEU A 266 6.68 -0.47 27.38
CA LEU A 266 6.28 -1.07 26.09
C LEU A 266 7.37 -1.91 25.46
N ARG A 267 8.60 -1.55 25.74
CA ARG A 267 9.75 -2.29 25.26
C ARG A 267 9.92 -3.59 26.01
N GLU A 268 9.32 -3.65 27.20
CA GLU A 268 9.39 -4.86 28.00
C GLU A 268 8.33 -5.88 27.59
N LYS A 269 7.30 -5.44 26.90
CA LYS A 269 6.18 -6.32 26.59
C LYS A 269 6.50 -7.18 25.38
N LYS A 270 6.14 -8.46 25.43
CA LYS A 270 6.32 -9.34 24.28
C LYS A 270 5.56 -8.77 23.07
N PRO A 271 6.03 -9.07 21.86
CA PRO A 271 5.37 -8.56 20.65
C PRO A 271 3.84 -8.78 20.64
N GLN A 272 3.41 -10.00 20.94
CA GLN A 272 2.00 -10.35 20.86
C GLN A 272 1.12 -9.64 21.90
N GLU A 273 1.72 -9.16 22.98
CA GLU A 273 1.00 -8.38 23.98
C GLU A 273 0.56 -7.02 23.42
N LEU A 274 1.42 -6.41 22.61
CA LEU A 274 1.09 -5.16 21.93
C LEU A 274 0.00 -5.36 20.86
N ILE A 275 0.11 -6.45 20.12
CA ILE A 275 -0.82 -6.78 19.04
C ILE A 275 -2.24 -7.05 19.57
N ASP A 276 -2.32 -7.78 20.68
CA ASP A 276 -3.59 -8.15 21.28
C ASP A 276 -4.49 -6.97 21.66
N VAL A 277 -3.89 -5.87 22.11
CA VAL A 277 -4.66 -4.68 22.57
C VAL A 277 -4.60 -3.49 21.61
N GLU A 278 -3.97 -3.69 20.46
CA GLU A 278 -3.69 -2.65 19.48
C GLU A 278 -4.92 -1.85 19.04
N TRP A 279 -6.01 -2.57 18.80
CA TRP A 279 -7.19 -2.00 18.20
C TRP A 279 -8.06 -1.31 19.25
N ASN A 280 -7.72 -1.47 20.53
CA ASN A 280 -8.43 -0.76 21.61
C ASN A 280 -8.20 0.77 21.67
N VAL A 281 -7.22 1.28 20.94
CA VAL A 281 -6.85 2.72 21.01
C VAL A 281 -7.57 3.59 19.99
N LEU A 282 -8.24 2.98 19.01
CA LEU A 282 -9.01 3.73 18.02
C LEU A 282 -10.03 4.61 18.76
N PRO A 283 -10.12 5.90 18.37
CA PRO A 283 -11.00 6.84 19.07
C PRO A 283 -12.48 6.65 18.79
N PHE A 284 -12.81 6.15 17.58
CA PHE A 284 -14.21 5.97 17.18
C PHE A 284 -14.55 4.53 16.81
N ASP A 285 -15.85 4.24 16.78
CA ASP A 285 -16.37 2.98 16.27
C ASP A 285 -16.34 3.12 14.76
N SER A 286 -15.42 2.43 14.12
CA SER A 286 -15.11 2.74 12.74
C SER A 286 -14.71 1.54 11.91
N ILE A 287 -14.82 1.71 10.60
CA ILE A 287 -14.14 0.86 9.65
C ILE A 287 -13.18 1.70 8.84
N PHE A 288 -12.20 1.00 8.28
CA PHE A 288 -11.11 1.58 7.49
C PHE A 288 -10.24 2.58 8.27
N ARG A 289 -10.01 2.27 9.53
CA ARG A 289 -9.13 3.06 10.36
C ARG A 289 -8.23 2.16 11.13
N PHE A 290 -6.98 2.61 11.26
CA PHE A 290 -5.91 1.79 11.80
C PHE A 290 -5.19 2.58 12.88
N SER A 291 -4.79 1.86 13.92
CA SER A 291 -4.29 2.44 15.15
C SER A 291 -2.96 3.20 14.97
N PHE A 292 -1.97 2.51 14.40
CA PHE A 292 -0.64 3.09 14.33
C PHE A 292 -0.18 3.34 12.90
N VAL A 293 -0.21 4.62 12.53
CA VAL A 293 0.04 5.07 11.17
C VAL A 293 1.00 6.26 11.21
N PRO A 294 1.51 6.69 10.04
CA PRO A 294 2.36 7.86 9.94
C PRO A 294 1.80 9.09 10.64
N VAL A 295 2.69 9.90 11.22
CA VAL A 295 2.33 11.18 11.86
C VAL A 295 2.89 12.36 11.08
N ILE A 296 2.11 13.44 11.05
CA ILE A 296 2.55 14.70 10.49
C ILE A 296 3.42 15.33 11.57
N ASP A 297 4.74 15.10 11.47
CA ASP A 297 5.67 15.33 12.60
C ASP A 297 6.49 16.63 12.48
N GLY A 298 6.46 17.27 11.32
CA GLY A 298 7.29 18.46 11.07
C GLY A 298 8.69 18.13 10.54
N GLU A 299 9.03 16.85 10.48
CA GLU A 299 10.32 16.39 10.02
C GLU A 299 10.21 15.61 8.71
N PHE A 300 9.60 14.43 8.78
CA PHE A 300 9.35 13.62 7.61
C PHE A 300 8.39 14.37 6.68
N PHE A 301 7.39 15.01 7.28
CA PHE A 301 6.51 15.91 6.54
C PHE A 301 6.71 17.29 7.17
N PRO A 302 7.30 18.23 6.40
CA PRO A 302 7.61 19.57 6.92
C PRO A 302 6.36 20.30 7.39
N THR A 303 5.32 20.31 6.56
CA THR A 303 4.03 20.91 6.92
C THR A 303 2.91 19.92 6.66
N SER A 304 1.67 20.37 6.80
CA SER A 304 0.51 19.54 6.49
C SER A 304 0.54 19.10 5.02
N LEU A 305 0.06 17.88 4.78
CA LEU A 305 0.08 17.30 3.45
C LEU A 305 -0.61 18.21 2.42
N GLU A 306 -1.76 18.77 2.79
CA GLU A 306 -2.55 19.62 1.89
C GLU A 306 -1.78 20.87 1.46
N SER A 307 -1.12 21.53 2.41
CA SER A 307 -0.33 22.73 2.10
C SER A 307 0.89 22.40 1.23
N MET A 308 1.47 21.21 1.46
CA MET A 308 2.55 20.69 0.62
C MET A 308 2.06 20.43 -0.80
N LEU A 309 0.88 19.86 -0.93
CA LEU A 309 0.30 19.58 -2.24
C LEU A 309 -0.05 20.85 -2.99
N ASN A 310 -0.53 21.86 -2.26
CA ASN A 310 -0.95 23.14 -2.86
C ASN A 310 0.21 23.99 -3.34
N SER A 311 1.28 24.05 -2.55
CA SER A 311 2.47 24.86 -2.88
C SER A 311 3.47 24.14 -3.80
N GLY A 312 3.17 22.90 -4.17
CA GLY A 312 4.05 22.12 -5.04
C GLY A 312 5.30 21.66 -4.32
N ASN A 313 5.21 21.52 -3.01
CA ASN A 313 6.32 21.04 -2.22
C ASN A 313 6.34 19.52 -2.27
N PHE A 314 6.88 19.00 -3.37
CA PHE A 314 7.05 17.57 -3.59
C PHE A 314 7.96 17.29 -4.79
N LYS A 315 8.31 16.03 -4.96
CA LYS A 315 9.17 15.61 -6.07
C LYS A 315 8.38 15.68 -7.38
N LYS A 316 8.95 16.36 -8.36
CA LYS A 316 8.36 16.48 -9.69
C LYS A 316 8.90 15.40 -10.62
N THR A 317 8.05 14.45 -10.95
CA THR A 317 8.41 13.34 -11.82
C THR A 317 7.13 12.79 -12.46
N GLN A 318 7.22 11.63 -13.12
CA GLN A 318 6.05 10.96 -13.70
C GLN A 318 5.42 9.99 -12.69
N ILE A 319 4.09 9.95 -12.66
CA ILE A 319 3.37 9.01 -11.80
C ILE A 319 2.33 8.22 -12.59
N LEU A 320 2.20 6.94 -12.23
CA LEU A 320 1.16 6.09 -12.75
C LEU A 320 0.37 5.56 -11.55
N LEU A 321 -0.94 5.79 -11.55
CA LEU A 321 -1.76 5.47 -10.40
C LEU A 321 -3.18 5.09 -10.82
N GLY A 322 -3.93 4.52 -9.87
CA GLY A 322 -5.32 4.15 -10.14
C GLY A 322 -6.00 3.44 -9.00
N VAL A 323 -7.26 3.08 -9.24
CA VAL A 323 -8.12 2.47 -8.23
C VAL A 323 -8.87 1.25 -8.77
N ASN A 324 -9.43 0.46 -7.85
CA ASN A 324 -10.31 -0.66 -8.18
C ASN A 324 -11.77 -0.27 -8.01
N LYS A 325 -12.65 -0.98 -8.73
CA LYS A 325 -14.06 -0.62 -8.76
C LYS A 325 -14.76 -0.68 -7.41
N ASP A 326 -14.42 -1.69 -6.61
CA ASP A 326 -15.09 -1.93 -5.34
C ASP A 326 -14.11 -2.00 -4.17
N GLU A 327 -13.53 -0.85 -3.83
CA GLU A 327 -12.50 -0.76 -2.81
C GLU A 327 -13.05 -1.01 -1.40
N GLY A 328 -14.33 -0.74 -1.18
CA GLY A 328 -14.91 -0.77 0.17
C GLY A 328 -15.39 -2.12 0.70
N SER A 329 -15.59 -3.08 -0.18
CA SER A 329 -16.27 -4.32 0.18
C SER A 329 -15.54 -5.14 1.26
N PHE A 330 -14.21 -5.16 1.18
CA PHE A 330 -13.38 -5.96 2.08
C PHE A 330 -13.59 -5.53 3.53
N PHE A 331 -13.71 -4.22 3.71
CA PHE A 331 -13.82 -3.59 5.03
C PHE A 331 -15.24 -3.68 5.61
N LEU A 332 -16.26 -3.61 4.76
CA LEU A 332 -17.63 -3.79 5.22
C LEU A 332 -17.90 -5.23 5.68
N LEU A 333 -17.37 -6.19 4.92
CA LEU A 333 -17.47 -7.60 5.29
C LEU A 333 -16.94 -7.85 6.69
N TYR A 334 -15.79 -7.27 6.99
CA TYR A 334 -15.13 -7.53 8.26
C TYR A 334 -15.70 -6.72 9.43
N GLY A 335 -16.24 -5.54 9.17
CA GLY A 335 -16.66 -4.66 10.27
C GLY A 335 -18.06 -4.06 10.28
N ALA A 336 -18.88 -4.34 9.28
CA ALA A 336 -20.19 -3.72 9.18
C ALA A 336 -21.33 -4.71 9.34
N PRO A 337 -22.35 -4.35 10.13
CA PRO A 337 -23.49 -5.25 10.36
C PRO A 337 -24.29 -5.52 9.10
N GLY A 338 -24.64 -6.79 8.89
CA GLY A 338 -25.44 -7.22 7.74
C GLY A 338 -24.65 -7.85 6.60
N PHE A 339 -23.33 -7.75 6.67
CA PHE A 339 -22.44 -8.28 5.65
C PHE A 339 -21.87 -9.60 6.12
N SER A 340 -21.94 -10.60 5.24
CA SER A 340 -21.42 -11.94 5.51
C SER A 340 -20.70 -12.48 4.28
N LYS A 341 -19.79 -13.42 4.48
CA LYS A 341 -19.03 -14.01 3.40
C LYS A 341 -19.87 -14.94 2.52
N ASP A 342 -20.86 -15.61 3.12
CA ASP A 342 -21.59 -16.68 2.44
C ASP A 342 -23.04 -16.30 2.08
N SER A 343 -23.38 -15.02 2.18
CA SER A 343 -24.66 -14.51 1.68
C SER A 343 -24.44 -13.36 0.72
N GLU A 344 -25.49 -13.00 -0.02
CA GLU A 344 -25.46 -11.85 -0.93
C GLU A 344 -25.42 -10.50 -0.19
N SER A 345 -25.57 -10.55 1.13
CA SER A 345 -25.47 -9.39 1.99
C SER A 345 -26.35 -8.21 1.53
N LYS A 346 -27.64 -8.49 1.38
CA LYS A 346 -28.61 -7.44 1.09
C LYS A 346 -28.83 -6.63 2.37
N ILE A 347 -28.60 -5.33 2.28
CA ILE A 347 -28.60 -4.47 3.48
C ILE A 347 -29.90 -3.65 3.61
N SER A 348 -30.47 -3.68 4.81
CA SER A 348 -31.66 -2.89 5.13
C SER A 348 -31.28 -1.44 5.42
N ARG A 349 -32.28 -0.55 5.43
CA ARG A 349 -32.05 0.86 5.75
C ARG A 349 -31.33 1.04 7.09
N GLU A 350 -31.73 0.24 8.07
CA GLU A 350 -31.17 0.34 9.42
C GLU A 350 -29.68 -0.02 9.40
N ASP A 351 -29.34 -1.09 8.69
CA ASP A 351 -27.93 -1.51 8.54
C ASP A 351 -27.13 -0.54 7.63
N PHE A 352 -27.79 0.03 6.64
CA PHE A 352 -27.17 1.06 5.80
C PHE A 352 -26.77 2.26 6.63
N MET A 353 -27.66 2.65 7.54
CA MET A 353 -27.46 3.81 8.40
C MET A 353 -26.37 3.53 9.46
N SER A 354 -26.33 2.31 9.96
CA SER A 354 -25.24 1.87 10.82
C SER A 354 -23.90 1.90 10.05
N GLY A 355 -23.96 1.48 8.79
CA GLY A 355 -22.81 1.43 7.92
C GLY A 355 -22.17 2.78 7.74
N VAL A 356 -22.97 3.77 7.37
CA VAL A 356 -22.47 5.12 7.07
C VAL A 356 -21.84 5.76 8.30
N LYS A 357 -22.40 5.49 9.48
CA LYS A 357 -21.83 5.95 10.74
C LYS A 357 -20.44 5.38 11.02
N LEU A 358 -20.31 4.06 10.89
CA LEU A 358 -19.04 3.32 11.07
C LEU A 358 -17.97 3.80 10.10
N SER A 359 -18.48 4.34 9.03
CA SER A 359 -17.78 4.51 7.82
C SER A 359 -17.40 5.97 7.70
N VAL A 360 -18.06 6.87 8.43
CA VAL A 360 -17.65 8.26 8.38
C VAL A 360 -17.53 8.71 9.81
N PRO A 361 -16.51 8.19 10.50
CA PRO A 361 -16.35 8.34 11.94
C PRO A 361 -16.35 9.80 12.42
N HIS A 362 -15.66 10.68 11.69
CA HIS A 362 -15.47 12.07 12.14
C HIS A 362 -16.62 13.01 11.75
N ALA A 363 -17.78 12.46 11.40
CA ALA A 363 -18.91 13.26 10.96
C ALA A 363 -19.94 13.47 12.06
N ASN A 364 -20.50 14.68 12.09
CA ASN A 364 -21.67 14.98 12.91
C ASN A 364 -22.96 14.58 12.20
N ASP A 365 -24.09 14.72 12.88
CA ASP A 365 -25.39 14.26 12.37
C ASP A 365 -25.78 14.87 11.01
N LEU A 366 -25.49 16.15 10.82
CA LEU A 366 -25.74 16.80 9.54
C LEU A 366 -24.86 16.18 8.45
N GLY A 367 -23.59 15.92 8.79
CA GLY A 367 -22.67 15.25 7.89
C GLY A 367 -23.14 13.87 7.48
N LEU A 368 -23.63 13.10 8.44
CA LEU A 368 -24.15 11.77 8.18
C LEU A 368 -25.38 11.84 7.27
N ASP A 369 -26.23 12.83 7.49
CA ASP A 369 -27.41 13.03 6.64
C ASP A 369 -27.01 13.41 5.19
N ALA A 370 -25.94 14.17 5.05
CA ALA A 370 -25.46 14.56 3.73
C ALA A 370 -24.99 13.36 2.94
N VAL A 371 -24.22 12.47 3.58
CA VAL A 371 -23.72 11.26 2.94
C VAL A 371 -24.88 10.37 2.53
N THR A 372 -25.79 10.13 3.47
CA THR A 372 -26.96 9.29 3.23
C THR A 372 -27.80 9.77 2.04
N LEU A 373 -28.07 11.07 2.00
CA LEU A 373 -28.80 11.69 0.88
C LEU A 373 -28.07 11.52 -0.45
N GLN A 374 -26.74 11.67 -0.41
CA GLN A 374 -25.92 11.56 -1.62
C GLN A 374 -25.92 10.15 -2.24
N TYR A 375 -26.12 9.12 -1.42
CA TYR A 375 -25.99 7.73 -1.87
C TYR A 375 -27.30 6.92 -1.81
N THR A 376 -28.42 7.57 -1.57
CA THR A 376 -29.71 6.87 -1.49
C THR A 376 -30.59 7.20 -2.67
N ASP A 377 -31.07 6.15 -3.34
CA ASP A 377 -32.14 6.25 -4.33
C ASP A 377 -33.45 6.28 -3.54
N TRP A 378 -34.04 7.49 -3.40
CA TRP A 378 -35.21 7.65 -2.53
C TRP A 378 -36.50 7.15 -3.19
N MET A 379 -36.39 6.73 -4.45
CA MET A 379 -37.46 6.06 -5.15
C MET A 379 -37.50 4.55 -4.79
N ASP A 380 -36.34 3.97 -4.47
CA ASP A 380 -36.23 2.55 -4.18
C ASP A 380 -35.37 2.25 -2.92
N ASP A 381 -35.59 3.06 -1.87
CA ASP A 381 -34.73 3.04 -0.67
C ASP A 381 -34.65 1.72 0.13
N ASN A 382 -35.59 0.80 -0.11
CA ASN A 382 -35.56 -0.50 0.57
C ASN A 382 -34.91 -1.59 -0.25
N ASN A 383 -34.29 -1.21 -1.36
CA ASN A 383 -33.57 -2.15 -2.20
C ASN A 383 -32.28 -2.59 -1.50
N GLY A 384 -32.22 -3.87 -1.16
CA GLY A 384 -31.08 -4.45 -0.46
C GLY A 384 -29.77 -4.34 -1.23
N ILE A 385 -29.84 -4.63 -2.54
CA ILE A 385 -28.68 -4.55 -3.42
C ILE A 385 -28.16 -3.12 -3.51
N LYS A 386 -29.07 -2.16 -3.68
CA LYS A 386 -28.72 -0.74 -3.81
C LYS A 386 -28.14 -0.15 -2.52
N ASN A 387 -28.68 -0.57 -1.38
CA ASN A 387 -28.15 -0.19 -0.08
C ASN A 387 -26.75 -0.80 0.14
N ARG A 388 -26.58 -2.06 -0.25
CA ARG A 388 -25.29 -2.72 -0.11
C ARG A 388 -24.21 -2.09 -1.03
N ASP A 389 -24.54 -1.92 -2.30
CA ASP A 389 -23.62 -1.34 -3.29
C ASP A 389 -23.34 0.14 -3.01
N GLY A 390 -24.35 0.85 -2.52
CA GLY A 390 -24.20 2.27 -2.14
C GLY A 390 -23.20 2.42 -0.99
N LEU A 391 -23.30 1.53 -0.01
CA LEU A 391 -22.40 1.51 1.13
C LEU A 391 -20.97 1.13 0.69
N ASP A 392 -20.87 0.15 -0.20
CA ASP A 392 -19.60 -0.22 -0.83
C ASP A 392 -18.97 1.01 -1.51
N ASP A 393 -19.77 1.78 -2.23
CA ASP A 393 -19.29 3.00 -2.88
C ASP A 393 -18.86 4.07 -1.89
N ILE A 394 -19.62 4.25 -0.80
CA ILE A 394 -19.27 5.21 0.24
C ILE A 394 -17.86 4.94 0.79
N VAL A 395 -17.62 3.70 1.21
CA VAL A 395 -16.34 3.32 1.83
C VAL A 395 -15.19 3.48 0.83
N GLY A 396 -15.39 3.00 -0.40
CA GLY A 396 -14.41 3.12 -1.48
C GLY A 396 -14.10 4.56 -1.85
N ASP A 397 -15.15 5.35 -2.06
CA ASP A 397 -15.01 6.74 -2.48
C ASP A 397 -14.31 7.60 -1.43
N HIS A 398 -14.77 7.51 -0.19
CA HIS A 398 -14.25 8.31 0.91
C HIS A 398 -12.81 7.96 1.31
N ASN A 399 -12.45 6.68 1.19
CA ASN A 399 -11.16 6.23 1.68
C ASN A 399 -10.08 6.09 0.61
N VAL A 400 -10.46 5.69 -0.61
CA VAL A 400 -9.46 5.44 -1.65
C VAL A 400 -9.53 6.30 -2.93
N ILE A 401 -10.72 6.44 -3.51
CA ILE A 401 -10.84 6.99 -4.85
C ILE A 401 -10.74 8.53 -4.79
N CYS A 402 -11.58 9.13 -3.96
CA CYS A 402 -11.61 10.60 -3.87
C CYS A 402 -10.35 11.22 -3.28
N PRO A 403 -9.76 10.59 -2.24
CA PRO A 403 -8.43 11.04 -1.82
C PRO A 403 -7.39 10.94 -2.94
N LEU A 404 -7.44 9.85 -3.70
CA LEU A 404 -6.49 9.67 -4.80
C LEU A 404 -6.75 10.69 -5.91
N MET A 405 -8.02 10.93 -6.20
CA MET A 405 -8.40 11.91 -7.21
C MET A 405 -8.00 13.33 -6.82
N HIS A 406 -7.98 13.62 -5.52
CA HIS A 406 -7.52 14.92 -5.04
C HIS A 406 -6.00 15.02 -5.18
N PHE A 407 -5.31 13.93 -4.87
CA PHE A 407 -3.87 13.90 -5.01
C PHE A 407 -3.45 14.08 -6.47
N VAL A 408 -4.08 13.33 -7.37
CA VAL A 408 -3.69 13.35 -8.78
C VAL A 408 -3.91 14.75 -9.38
N ASN A 409 -5.04 15.36 -9.05
CA ASN A 409 -5.35 16.68 -9.56
C ASN A 409 -4.36 17.74 -9.05
N LYS A 410 -3.98 17.65 -7.78
CA LYS A 410 -2.98 18.57 -7.20
C LYS A 410 -1.59 18.32 -7.79
N TYR A 411 -1.21 17.05 -7.87
CA TYR A 411 0.11 16.67 -8.38
C TYR A 411 0.30 17.12 -9.83
N THR A 412 -0.71 16.91 -10.67
CA THR A 412 -0.62 17.18 -12.10
C THR A 412 -0.27 18.64 -12.44
N LYS A 413 -0.66 19.58 -11.58
CA LYS A 413 -0.26 20.98 -11.72
C LYS A 413 1.26 21.15 -11.86
N PHE A 414 2.03 20.44 -11.05
CA PHE A 414 3.50 20.60 -10.97
C PHE A 414 4.31 19.42 -11.54
N GLY A 415 3.65 18.28 -11.73
CA GLY A 415 4.32 17.06 -12.17
C GLY A 415 4.71 17.05 -13.63
N ASN A 416 5.43 16.00 -14.04
CA ASN A 416 5.97 15.88 -15.39
C ASN A 416 5.33 14.75 -16.22
N GLY A 417 4.14 14.32 -15.81
CA GLY A 417 3.39 13.31 -16.54
C GLY A 417 2.59 12.40 -15.63
N THR A 418 1.30 12.30 -15.88
CA THR A 418 0.41 11.48 -15.03
C THR A 418 -0.35 10.50 -15.90
N TYR A 419 -0.44 9.26 -15.44
CA TYR A 419 -1.24 8.22 -16.09
C TYR A 419 -2.20 7.57 -15.08
N LEU A 420 -3.50 7.61 -15.39
CA LEU A 420 -4.53 7.14 -14.46
C LEU A 420 -5.33 5.95 -15.01
N TYR A 421 -5.55 4.94 -14.16
CA TYR A 421 -6.33 3.76 -14.53
C TYR A 421 -7.50 3.49 -13.59
N PHE A 422 -8.48 2.73 -14.11
CA PHE A 422 -9.61 2.25 -13.33
C PHE A 422 -9.72 0.76 -13.57
N PHE A 423 -9.26 -0.02 -12.60
CA PHE A 423 -9.24 -1.48 -12.70
C PHE A 423 -10.59 -2.04 -12.26
N ASN A 424 -11.34 -2.58 -13.23
CA ASN A 424 -12.67 -3.11 -12.96
C ASN A 424 -12.93 -4.52 -13.50
N HIS A 425 -11.88 -5.30 -13.69
CA HIS A 425 -12.06 -6.72 -14.04
C HIS A 425 -12.12 -7.59 -12.79
N ARG A 426 -13.20 -8.34 -12.67
CA ARG A 426 -13.40 -9.31 -11.60
C ARG A 426 -12.83 -10.65 -12.02
N ALA A 427 -11.84 -11.14 -11.29
CA ALA A 427 -11.15 -12.39 -11.62
C ALA A 427 -12.10 -13.59 -11.62
N SER A 428 -11.93 -14.45 -12.63
CA SER A 428 -12.80 -15.62 -12.82
C SER A 428 -12.68 -16.65 -11.69
N ASN A 429 -11.54 -16.66 -10.99
CA ASN A 429 -11.12 -17.78 -10.10
C ASN A 429 -11.01 -17.40 -8.59
N LEU A 430 -11.84 -16.44 -8.26
CA LEU A 430 -11.80 -15.64 -7.06
C LEU A 430 -12.85 -16.16 -6.11
N VAL A 431 -12.42 -16.27 -4.86
CA VAL A 431 -13.00 -17.16 -3.88
C VAL A 431 -13.93 -16.39 -3.00
N TRP A 432 -13.77 -15.07 -3.02
CA TRP A 432 -14.67 -14.18 -2.32
C TRP A 432 -16.01 -14.15 -3.04
N PRO A 433 -17.10 -13.87 -2.30
CA PRO A 433 -18.44 -13.85 -2.89
C PRO A 433 -18.59 -12.79 -3.98
N GLU A 434 -19.65 -12.92 -4.75
CA GLU A 434 -19.91 -12.07 -5.93
C GLU A 434 -20.11 -10.61 -5.56
N TRP A 435 -20.81 -10.38 -4.45
CA TRP A 435 -21.23 -9.02 -4.06
C TRP A 435 -20.07 -8.07 -3.77
N MET A 436 -18.92 -8.64 -3.43
CA MET A 436 -17.72 -7.86 -3.12
C MET A 436 -17.08 -7.25 -4.36
N GLY A 437 -17.36 -7.84 -5.53
CA GLY A 437 -16.94 -7.32 -6.83
C GLY A 437 -15.44 -7.33 -7.08
N VAL A 438 -14.93 -6.20 -7.57
CA VAL A 438 -13.51 -6.02 -7.83
C VAL A 438 -12.85 -5.45 -6.56
N ILE A 439 -12.34 -6.38 -5.75
CA ILE A 439 -11.94 -6.12 -4.36
C ILE A 439 -10.60 -5.41 -4.22
N HIS A 440 -10.49 -4.63 -3.15
CA HIS A 440 -9.26 -4.00 -2.70
C HIS A 440 -8.11 -5.01 -2.72
N GLY A 441 -7.07 -4.71 -3.49
CA GLY A 441 -5.86 -5.53 -3.55
C GLY A 441 -5.83 -6.63 -4.60
N TYR A 442 -6.86 -6.73 -5.42
CA TYR A 442 -6.95 -7.86 -6.36
C TYR A 442 -6.61 -7.47 -7.79
N GLU A 443 -5.91 -6.35 -7.93
CA GLU A 443 -5.18 -6.05 -9.17
C GLU A 443 -3.72 -6.52 -9.03
N ILE A 444 -3.26 -6.71 -7.80
CA ILE A 444 -1.87 -7.06 -7.50
C ILE A 444 -1.43 -8.33 -8.27
N GLU A 445 -2.26 -9.36 -8.22
CA GLU A 445 -2.00 -10.62 -8.90
C GLU A 445 -1.78 -10.45 -10.42
N PHE A 446 -2.51 -9.50 -11.03
CA PHE A 446 -2.32 -9.17 -12.45
C PHE A 446 -1.04 -8.37 -12.66
N VAL A 447 -0.68 -7.54 -11.68
CA VAL A 447 0.55 -6.75 -11.76
C VAL A 447 1.77 -7.65 -11.61
N PHE A 448 1.68 -8.66 -10.75
CA PHE A 448 2.79 -9.59 -10.51
C PHE A 448 2.75 -10.84 -11.41
N GLY A 449 1.79 -10.90 -12.31
CA GLY A 449 1.78 -11.90 -13.39
C GLY A 449 1.38 -13.32 -13.03
N LEU A 450 0.53 -13.47 -12.03
CA LEU A 450 0.04 -14.80 -11.60
C LEU A 450 -0.84 -15.49 -12.67
N PRO A 451 -1.58 -14.73 -13.49
CA PRO A 451 -2.35 -15.38 -14.55
C PRO A 451 -1.54 -16.09 -15.63
N LEU A 452 -0.22 -15.92 -15.63
CA LEU A 452 0.65 -16.62 -16.57
C LEU A 452 0.90 -18.07 -16.17
N VAL A 453 0.64 -18.38 -14.90
CA VAL A 453 0.78 -19.73 -14.36
C VAL A 453 -0.52 -20.51 -14.56
N LYS A 454 -0.48 -21.59 -15.36
CA LYS A 454 -1.69 -22.38 -15.65
C LYS A 454 -2.36 -22.98 -14.41
N GLU A 455 -1.56 -23.44 -13.45
CA GLU A 455 -2.04 -24.11 -12.24
C GLU A 455 -3.02 -23.26 -11.41
N LEU A 456 -2.96 -21.94 -11.56
CA LEU A 456 -3.81 -21.04 -10.78
C LEU A 456 -5.19 -20.79 -11.40
N ASN A 457 -5.39 -21.34 -12.60
CA ASN A 457 -6.73 -21.44 -13.25
C ASN A 457 -7.37 -20.13 -13.71
N TYR A 458 -6.55 -19.23 -14.23
CA TYR A 458 -7.05 -18.02 -14.90
C TYR A 458 -7.45 -18.33 -16.33
N THR A 459 -8.22 -17.44 -16.94
CA THR A 459 -8.59 -17.57 -18.36
C THR A 459 -7.46 -17.09 -19.25
N ALA A 460 -7.57 -17.34 -20.55
CA ALA A 460 -6.57 -16.88 -21.52
C ALA A 460 -6.57 -15.35 -21.61
N GLU A 461 -7.76 -14.76 -21.58
CA GLU A 461 -7.89 -13.29 -21.64
C GLU A 461 -7.36 -12.61 -20.36
N GLU A 462 -7.38 -13.32 -19.23
CA GLU A 462 -6.79 -12.82 -17.99
C GLU A 462 -5.26 -12.86 -18.03
N GLU A 463 -4.70 -13.84 -18.73
CA GLU A 463 -3.27 -13.90 -18.97
C GLU A 463 -2.86 -12.73 -19.86
N ALA A 464 -3.68 -12.44 -20.87
CA ALA A 464 -3.41 -11.35 -21.81
C ALA A 464 -3.45 -9.99 -21.10
N LEU A 465 -4.41 -9.84 -20.18
CA LEU A 465 -4.55 -8.60 -19.42
C LEU A 465 -3.33 -8.42 -18.51
N SER A 466 -2.92 -9.49 -17.87
CA SER A 466 -1.75 -9.47 -16.99
C SER A 466 -0.49 -9.02 -17.73
N ARG A 467 -0.29 -9.55 -18.92
CA ARG A 467 0.86 -9.19 -19.76
C ARG A 467 0.81 -7.73 -20.18
N ARG A 468 -0.39 -7.23 -20.49
CA ARG A 468 -0.57 -5.80 -20.79
C ARG A 468 -0.22 -4.93 -19.60
N ILE A 469 -0.76 -5.26 -18.43
CA ILE A 469 -0.52 -4.48 -17.21
C ILE A 469 0.98 -4.48 -16.86
N MET A 470 1.58 -5.66 -16.84
CA MET A 470 3.01 -5.79 -16.54
C MET A 470 3.86 -4.96 -17.48
N HIS A 471 3.50 -4.98 -18.76
CA HIS A 471 4.23 -4.21 -19.78
C HIS A 471 3.99 -2.71 -19.64
N TYR A 472 2.78 -2.31 -19.27
CA TYR A 472 2.51 -0.92 -18.91
C TYR A 472 3.38 -0.47 -17.73
N TRP A 473 3.39 -1.26 -16.66
CA TRP A 473 4.13 -0.94 -15.45
C TRP A 473 5.63 -0.84 -15.72
N ALA A 474 6.16 -1.80 -16.48
CA ALA A 474 7.59 -1.89 -16.74
C ALA A 474 8.07 -0.89 -17.79
N THR A 475 7.25 -0.60 -18.79
CA THR A 475 7.59 0.41 -19.78
C THR A 475 7.57 1.80 -19.14
N PHE A 476 6.59 2.04 -18.28
CA PHE A 476 6.53 3.28 -17.52
C PHE A 476 7.76 3.42 -16.62
N ALA A 477 8.10 2.34 -15.91
CA ALA A 477 9.26 2.36 -15.05
C ALA A 477 10.52 2.71 -15.84
N LYS A 478 10.62 2.18 -17.06
CA LYS A 478 11.77 2.40 -17.93
C LYS A 478 11.84 3.82 -18.51
N THR A 479 10.69 4.32 -18.97
CA THR A 479 10.65 5.55 -19.78
C THR A 479 9.89 6.74 -19.19
N GLY A 480 8.95 6.48 -18.29
CA GLY A 480 8.03 7.52 -17.80
C GLY A 480 6.72 7.50 -18.57
N ASN A 481 6.57 6.49 -19.43
CA ASN A 481 5.43 6.35 -20.32
C ASN A 481 5.10 4.85 -20.44
N PRO A 482 3.87 4.45 -20.08
CA PRO A 482 3.45 3.05 -20.19
C PRO A 482 3.29 2.58 -21.64
N ASN A 483 3.20 3.52 -22.56
CA ASN A 483 3.06 3.22 -23.98
C ASN A 483 4.38 2.95 -24.68
N GLU A 484 4.31 2.01 -25.59
CA GLU A 484 5.39 1.74 -26.53
C GLU A 484 5.52 2.88 -27.53
N PRO A 485 6.77 3.30 -27.83
CA PRO A 485 6.86 4.52 -28.62
C PRO A 485 6.08 4.58 -29.96
N HIS A 486 6.43 3.66 -30.86
CA HIS A 486 5.85 3.61 -32.18
C HIS A 486 5.34 2.19 -32.03
N SER A 487 4.12 2.09 -31.54
CA SER A 487 3.41 0.81 -31.44
C SER A 487 2.04 0.93 -32.10
N GLN A 488 1.49 -0.21 -32.49
CA GLN A 488 0.19 -0.26 -33.15
C GLN A 488 -0.96 -0.38 -32.13
N GLU A 489 -0.61 -0.61 -30.87
CA GLU A 489 -1.61 -0.76 -29.80
C GLU A 489 -2.18 0.60 -29.42
N SER A 490 -3.43 0.60 -28.96
CA SER A 490 -4.13 1.84 -28.60
C SER A 490 -3.47 2.52 -27.39
N LYS A 491 -3.30 3.83 -27.47
CA LYS A 491 -2.49 4.57 -26.52
C LYS A 491 -3.23 4.92 -25.24
N TRP A 492 -2.56 4.69 -24.11
CA TRP A 492 -3.02 5.16 -22.80
C TRP A 492 -2.72 6.65 -22.73
N PRO A 493 -3.76 7.49 -22.81
CA PRO A 493 -3.51 8.93 -22.84
C PRO A 493 -3.01 9.52 -21.53
N LEU A 494 -2.24 10.58 -21.65
CA LEU A 494 -1.75 11.34 -20.51
C LEU A 494 -2.93 11.99 -19.77
N PHE A 495 -2.88 11.99 -18.43
CA PHE A 495 -3.82 12.71 -17.60
C PHE A 495 -3.41 14.17 -17.51
N THR A 496 -4.29 15.07 -17.94
CA THR A 496 -4.02 16.51 -17.92
C THR A 496 -5.03 17.24 -17.04
N THR A 497 -4.64 18.42 -16.58
CA THR A 497 -5.51 19.25 -15.73
C THR A 497 -6.83 19.57 -16.42
N LYS A 498 -6.75 19.84 -17.72
CA LYS A 498 -7.91 20.21 -18.52
C LYS A 498 -8.81 18.99 -18.81
N GLU A 499 -8.25 17.98 -19.46
CA GLU A 499 -9.04 16.87 -19.99
C GLU A 499 -9.30 15.75 -18.96
N GLN A 500 -8.37 15.57 -18.03
CA GLN A 500 -8.51 14.58 -16.94
C GLN A 500 -8.85 13.14 -17.40
N LYS A 501 -8.18 12.72 -18.46
CA LYS A 501 -8.48 11.44 -19.11
C LYS A 501 -7.89 10.24 -18.37
N PHE A 502 -8.61 9.13 -18.40
CA PHE A 502 -8.14 7.88 -17.82
C PHE A 502 -8.66 6.70 -18.61
N ILE A 503 -8.04 5.53 -18.40
CA ILE A 503 -8.46 4.31 -19.07
C ILE A 503 -9.05 3.30 -18.09
N ASP A 504 -9.94 2.46 -18.59
CA ASP A 504 -10.36 1.27 -17.87
C ASP A 504 -9.24 0.25 -18.03
N LEU A 505 -9.11 -0.63 -17.05
CA LEU A 505 -8.13 -1.70 -17.11
C LEU A 505 -8.84 -3.04 -16.93
N ASN A 506 -9.17 -3.67 -18.06
CA ASN A 506 -9.92 -4.94 -18.06
C ASN A 506 -9.64 -5.76 -19.31
N THR A 507 -10.32 -6.90 -19.45
CA THR A 507 -10.13 -7.80 -20.59
C THR A 507 -10.71 -7.29 -21.92
N GLU A 508 -11.50 -6.23 -21.87
CA GLU A 508 -12.13 -5.64 -23.05
C GLU A 508 -11.19 -4.65 -23.74
N PRO A 509 -11.47 -4.32 -25.02
CA PRO A 509 -10.71 -3.28 -25.73
C PRO A 509 -10.73 -1.95 -24.97
N MET A 510 -9.56 -1.31 -24.90
CA MET A 510 -9.37 -0.10 -24.11
C MET A 510 -10.42 0.97 -24.41
N LYS A 511 -10.96 1.56 -23.35
CA LYS A 511 -11.86 2.70 -23.45
C LYS A 511 -11.31 3.86 -22.61
N VAL A 512 -11.29 5.04 -23.20
CA VAL A 512 -10.87 6.26 -22.50
C VAL A 512 -12.09 7.01 -21.99
N HIS A 513 -12.04 7.42 -20.73
CA HIS A 513 -13.09 8.25 -20.13
C HIS A 513 -12.45 9.51 -19.56
N GLN A 514 -13.29 10.39 -19.01
CA GLN A 514 -12.82 11.61 -18.36
C GLN A 514 -13.47 11.81 -16.99
N ARG A 515 -12.76 12.55 -16.14
CA ARG A 515 -13.25 12.96 -14.81
C ARG A 515 -13.72 11.89 -13.83
N LEU A 516 -12.83 10.95 -13.54
CA LEU A 516 -13.13 9.76 -12.72
C LEU A 516 -13.92 10.14 -11.48
N ARG A 517 -15.14 9.60 -11.39
CA ARG A 517 -16.05 9.79 -10.26
C ARG A 517 -16.15 11.17 -9.68
N VAL A 518 -16.28 12.13 -10.58
CA VAL A 518 -16.22 13.53 -10.20
C VAL A 518 -17.45 13.97 -9.37
N GLN A 519 -18.64 13.48 -9.70
CA GLN A 519 -19.87 13.81 -8.96
C GLN A 519 -19.73 13.51 -7.48
N MET A 520 -19.29 12.30 -7.16
CA MET A 520 -19.10 11.87 -5.77
C MET A 520 -17.88 12.54 -5.12
N CYS A 521 -16.80 12.71 -5.86
CA CYS A 521 -15.57 13.26 -5.28
C CYS A 521 -15.62 14.77 -5.04
N VAL A 522 -16.45 15.49 -5.79
CA VAL A 522 -16.76 16.89 -5.45
C VAL A 522 -17.47 16.96 -4.09
N PHE A 523 -18.32 15.97 -3.81
CA PHE A 523 -18.96 15.85 -2.50
C PHE A 523 -17.92 15.60 -1.39
N TRP A 524 -17.08 14.57 -1.56
CA TRP A 524 -16.10 14.19 -0.53
C TRP A 524 -14.94 15.19 -0.37
N ASN A 525 -14.53 15.85 -1.44
CA ASN A 525 -13.37 16.75 -1.40
C ASN A 525 -13.72 18.24 -1.24
N GLN A 526 -14.85 18.67 -1.79
CA GLN A 526 -15.25 20.08 -1.66
C GLN A 526 -16.39 20.37 -0.68
N PHE A 527 -17.52 19.65 -0.80
CA PHE A 527 -18.73 20.02 -0.05
C PHE A 527 -18.70 19.57 1.42
N LEU A 528 -18.51 18.26 1.64
CA LEU A 528 -18.57 17.72 3.00
C LEU A 528 -17.54 18.35 3.96
N PRO A 529 -16.29 18.57 3.50
CA PRO A 529 -15.33 19.28 4.35
C PRO A 529 -15.78 20.69 4.74
N LYS A 530 -16.44 21.40 3.81
CA LYS A 530 -17.03 22.72 4.11
C LYS A 530 -18.17 22.62 5.12
N LEU A 531 -18.98 21.57 4.99
CA LEU A 531 -20.10 21.35 5.89
C LEU A 531 -19.61 21.09 7.33
N LEU A 532 -18.66 20.18 7.50
CA LEU A 532 -18.16 19.79 8.81
C LEU A 532 -17.41 20.92 9.50
N ASN A 533 -16.71 21.75 8.71
CA ASN A 533 -15.98 22.92 9.26
C ASN A 533 -16.91 24.03 9.75
N ALA A 534 -18.07 24.16 9.10
CA ALA A 534 -19.06 25.16 9.53
C ALA A 534 -19.76 24.69 10.81
N THR A 535 -20.11 23.41 10.86
CA THR A 535 -20.86 22.84 12.00
C THR A 535 -19.94 22.15 13.04
C1 NAG B . 8.46 17.02 -18.77
C2 NAG B . 7.46 17.66 -19.75
C3 NAG B . 8.13 18.01 -21.08
C4 NAG B . 9.45 18.78 -20.84
C5 NAG B . 10.33 17.94 -19.89
C6 NAG B . 11.73 18.49 -19.63
C7 NAG B . 5.11 17.03 -19.35
C8 NAG B . 3.99 16.09 -19.66
N2 NAG B . 6.30 16.82 -19.97
O3 NAG B . 7.23 18.80 -21.80
O4 NAG B . 10.11 19.12 -22.06
O5 NAG B . 9.63 17.80 -18.66
O6 NAG B . 11.77 19.46 -18.59
O7 NAG B . 4.90 17.94 -18.56
C1 NAG C . 21.37 -21.83 2.87
C2 NAG C . 22.23 -23.13 2.64
C3 NAG C . 21.56 -24.43 2.18
C4 NAG C . 20.44 -24.80 3.13
C5 NAG C . 19.50 -23.58 3.16
C6 NAG C . 18.29 -23.86 4.10
C7 NAG C . 24.56 -22.59 2.08
C8 NAG C . 24.83 -22.20 3.51
N2 NAG C . 23.32 -22.97 1.70
O3 NAG C . 22.46 -25.54 2.20
O4 NAG C . 19.87 -26.01 2.64
O5 NAG C . 20.19 -22.36 3.57
O6 NAG C . 18.42 -23.31 5.41
O7 NAG C . 25.46 -22.53 1.22
O1 MES D . -15.48 3.22 21.19
C2 MES D . -14.23 3.40 20.54
C3 MES D . -13.17 2.52 21.20
N4 MES D . -13.21 2.89 22.60
C5 MES D . -14.47 2.73 23.35
C6 MES D . -15.47 3.59 22.58
C7 MES D . -12.01 3.30 23.37
C8 MES D . -11.89 4.81 23.19
S MES D . -10.38 5.37 23.42
O1S MES D . -10.08 4.64 24.72
O2S MES D . -10.32 6.84 24.06
O3S MES D . -9.21 4.90 22.71
C1 4VV E . -10.15 -6.25 6.47
C2 4VV E . -9.12 -5.43 7.24
C3 4VV E . -9.79 -4.50 8.24
N6 4VV E . -7.15 -9.04 5.04
C7 4VV E . -8.59 -5.57 12.87
C9 4VV E . -5.63 -5.50 13.50
C10 4VV E . -7.92 -6.38 15.97
C11 4VV E . -8.62 -6.70 14.87
C12 4VV E . -9.53 -5.33 4.38
C14 4VV E . -8.61 -7.21 4.90
C4 4VV E . -8.94 -4.42 9.51
C5 4VV E . -9.53 -5.34 10.58
O2 4VV E . -6.86 -10.50 5.64
C13 4VV E . -8.32 -8.43 5.38
N5 4VV E . -7.77 -6.55 4.09
C15 4VV E . -8.33 -5.39 3.77
N1 4VV E . -9.73 -6.48 5.07
C6 4VV E . -8.42 -5.98 11.42
N2 4VV E . -7.85 -6.45 13.79
N4 4VV E . -6.74 -5.89 15.57
C8 4VV E . -6.69 -5.91 14.24
N3 4VV E . -4.46 -5.04 14.03
O1 4VV E . -4.25 -4.96 15.50
#